data_9VF7
#
_entry.id   9VF7
#
_cell.length_a   73.294
_cell.length_b   77.023
_cell.length_c   103.905
_cell.angle_alpha   90.000
_cell.angle_beta   90.000
_cell.angle_gamma   90.000
#
_symmetry.space_group_name_H-M   'P 21 21 21'
#
loop_
_entity.id
_entity.type
_entity.pdbx_description
1 polymer 'histidine kinase'
2 non-polymer 'FLAVIN MONONUCLEOTIDE'
3 water water
#
_entity_poly.entity_id   1
_entity_poly.type   'polypeptide(L)'
_entity_poly.pdbx_seq_one_letter_code
;MRDEIFRIAVETILAGVVITDAQLPDYPIVYCNPGFVQLTGYPSEEVLGRNCRFLQGPATNPETVARLRRAIHEGRPAHV
LLLNYRKDGQPFWNDLRIAPVRDVEGRLTHFVGIQSDVSAKVEGVRLLEQALEEWRSTVDTLHHHHHH
;
_entity_poly.pdbx_strand_id   A,B,C,D
#
# COMPACT_ATOMS: atom_id res chain seq x y z
N ARG A 2 -7.70 -7.74 46.11
CA ARG A 2 -6.77 -6.97 45.24
C ARG A 2 -6.21 -7.91 44.16
N ASP A 3 -5.34 -8.85 44.57
CA ASP A 3 -4.64 -9.74 43.66
C ASP A 3 -5.60 -10.42 42.70
N GLU A 4 -6.74 -10.93 43.23
CA GLU A 4 -7.79 -11.54 42.43
C GLU A 4 -8.06 -10.70 41.18
N ILE A 5 -8.03 -9.37 41.34
CA ILE A 5 -8.48 -8.44 40.31
C ILE A 5 -7.37 -8.23 39.29
N PHE A 6 -6.10 -8.28 39.72
CA PHE A 6 -4.97 -8.17 38.79
C PHE A 6 -4.87 -9.42 37.93
N ARG A 7 -5.12 -10.60 38.53
CA ARG A 7 -5.21 -11.83 37.77
C ARG A 7 -6.27 -11.66 36.68
N ILE A 8 -7.46 -11.23 37.09
CA ILE A 8 -8.61 -11.10 36.20
C ILE A 8 -8.31 -10.06 35.11
N ALA A 9 -7.47 -9.06 35.44
CA ALA A 9 -7.03 -8.09 34.46
C ALA A 9 -6.18 -8.79 33.39
N VAL A 10 -5.26 -9.65 33.82
CA VAL A 10 -4.39 -10.40 32.92
C VAL A 10 -5.23 -11.38 32.10
N GLU A 11 -6.20 -12.01 32.76
CA GLU A 11 -7.11 -12.97 32.13
C GLU A 11 -7.94 -12.29 31.05
N THR A 12 -8.17 -10.99 31.19
CA THR A 12 -8.99 -10.21 30.28
C THR A 12 -8.21 -9.77 29.05
N ILE A 13 -6.89 -9.61 29.19
CA ILE A 13 -6.05 -9.11 28.11
C ILE A 13 -6.01 -10.11 26.95
N LEU A 14 -6.03 -9.60 25.71
CA LEU A 14 -6.06 -10.42 24.51
C LEU A 14 -4.66 -10.88 24.14
N ALA A 15 -3.67 -10.01 24.36
CA ALA A 15 -2.29 -10.39 24.14
C ALA A 15 -1.96 -11.58 25.04
N GLY A 16 -0.98 -12.38 24.62
CA GLY A 16 -0.50 -13.47 25.45
C GLY A 16 0.30 -12.92 26.62
N VAL A 17 0.00 -13.40 27.83
CA VAL A 17 0.78 -13.10 29.01
C VAL A 17 1.23 -14.41 29.60
N VAL A 18 2.53 -14.50 29.94
CA VAL A 18 3.10 -15.66 30.60
C VAL A 18 3.92 -15.16 31.79
N ILE A 19 3.98 -15.99 32.84
CA ILE A 19 4.93 -15.83 33.92
C ILE A 19 5.75 -17.10 33.96
N THR A 20 7.08 -16.94 34.00
CA THR A 20 8.01 -18.04 34.13
C THR A 20 8.72 -17.92 35.48
N ASP A 21 9.12 -19.06 36.04
CA ASP A 21 9.81 -19.11 37.32
C ASP A 21 11.32 -19.05 37.02
N ALA A 22 11.97 -17.99 37.49
CA ALA A 22 13.37 -17.76 37.20
C ALA A 22 14.26 -18.40 38.26
N GLN A 23 13.65 -19.04 39.28
CA GLN A 23 14.41 -19.71 40.31
C GLN A 23 14.40 -21.21 40.08
N LEU A 24 13.63 -21.68 39.09
CA LEU A 24 13.68 -23.06 38.68
C LEU A 24 14.53 -23.17 37.42
N PRO A 25 15.16 -24.34 37.15
CA PRO A 25 16.00 -24.47 35.98
C PRO A 25 15.17 -24.42 34.70
N ASP A 26 15.70 -23.71 33.68
CA ASP A 26 15.06 -23.69 32.38
C ASP A 26 13.76 -22.88 32.45
N TYR A 27 13.71 -21.90 33.34
CA TYR A 27 12.69 -20.86 33.36
C TYR A 27 11.35 -21.39 32.85
N PRO A 28 10.70 -22.31 33.60
CA PRO A 28 9.42 -22.89 33.19
C PRO A 28 8.23 -21.95 33.33
N ILE A 29 7.27 -22.06 32.41
CA ILE A 29 6.05 -21.27 32.44
C ILE A 29 5.16 -21.78 33.57
N VAL A 30 4.78 -20.87 34.48
CA VAL A 30 4.00 -21.23 35.66
C VAL A 30 2.62 -20.59 35.58
N TYR A 31 2.40 -19.78 34.55
CA TYR A 31 1.09 -19.21 34.28
C TYR A 31 1.04 -18.77 32.81
N CYS A 32 -0.12 -18.97 32.18
CA CYS A 32 -0.43 -18.32 30.92
C CYS A 32 -1.89 -17.90 30.97
N ASN A 33 -2.25 -16.88 30.18
CA ASN A 33 -3.63 -16.40 30.17
C ASN A 33 -4.34 -17.04 28.98
N PRO A 34 -5.68 -16.89 28.87
CA PRO A 34 -6.40 -17.38 27.69
C PRO A 34 -5.89 -16.78 26.38
N GLY A 35 -5.37 -15.56 26.42
CA GLY A 35 -4.90 -14.90 25.23
C GLY A 35 -3.69 -15.61 24.61
N PHE A 36 -2.91 -16.26 25.47
CA PHE A 36 -1.73 -17.01 25.06
C PHE A 36 -2.17 -18.31 24.40
N VAL A 37 -3.28 -18.88 24.87
CA VAL A 37 -3.85 -20.09 24.31
C VAL A 37 -4.34 -19.80 22.90
N GLN A 38 -5.07 -18.69 22.74
CA GLN A 38 -5.63 -18.36 21.45
C GLN A 38 -4.52 -17.93 20.50
N LEU A 39 -3.47 -17.29 21.02
CA LEU A 39 -2.37 -16.84 20.19
C LEU A 39 -1.56 -18.01 19.63
N THR A 40 -1.27 -19.01 20.47
CA THR A 40 -0.33 -20.07 20.12
C THR A 40 -1.04 -21.33 19.64
N GLY A 41 -2.28 -21.55 20.09
CA GLY A 41 -3.03 -22.77 19.79
C GLY A 41 -2.71 -23.90 20.78
N TYR A 42 -1.92 -23.61 21.81
CA TYR A 42 -1.60 -24.60 22.84
C TYR A 42 -2.47 -24.34 24.07
N PRO A 43 -3.22 -25.35 24.58
CA PRO A 43 -3.90 -25.21 25.86
C PRO A 43 -2.90 -25.16 27.00
N SER A 44 -3.35 -24.60 28.15
CA SER A 44 -2.47 -24.33 29.28
C SER A 44 -1.83 -25.62 29.79
N GLU A 45 -2.55 -26.74 29.71
CA GLU A 45 -2.03 -28.01 30.21
C GLU A 45 -0.74 -28.41 29.50
N GLU A 46 -0.57 -27.93 28.26
CA GLU A 46 0.60 -28.23 27.46
C GLU A 46 1.62 -27.10 27.52
N VAL A 47 1.31 -26.04 28.28
CA VAL A 47 2.16 -24.87 28.36
C VAL A 47 2.91 -24.89 29.69
N LEU A 48 2.18 -25.17 30.77
CA LEU A 48 2.74 -25.06 32.11
C LEU A 48 3.89 -26.02 32.29
N GLY A 49 5.00 -25.52 32.86
CA GLY A 49 6.15 -26.32 33.20
C GLY A 49 7.14 -26.42 32.04
N ARG A 50 6.83 -25.75 30.93
CA ARG A 50 7.65 -25.84 29.73
C ARG A 50 8.31 -24.49 29.50
N ASN A 51 9.49 -24.53 28.88
CA ASN A 51 10.15 -23.33 28.41
C ASN A 51 9.42 -22.84 27.18
N CYS A 52 9.41 -21.51 26.94
CA CYS A 52 8.62 -20.89 25.88
CA CYS A 52 8.61 -20.92 25.88
C CYS A 52 9.18 -21.23 24.49
N ARG A 53 10.42 -21.75 24.46
CA ARG A 53 11.14 -21.99 23.21
C ARG A 53 10.42 -22.96 22.28
N PHE A 54 9.39 -23.66 22.78
CA PHE A 54 8.65 -24.62 21.99
C PHE A 54 7.86 -23.91 20.88
N LEU A 55 7.78 -22.58 20.94
CA LEU A 55 7.06 -21.79 19.97
C LEU A 55 7.91 -21.56 18.74
N GLN A 56 9.23 -21.70 18.90
CA GLN A 56 10.17 -21.45 17.82
C GLN A 56 9.99 -22.53 16.76
N GLY A 57 10.45 -22.25 15.53
CA GLY A 57 10.34 -23.19 14.44
C GLY A 57 11.39 -22.94 13.34
N PRO A 58 11.13 -23.41 12.10
CA PRO A 58 12.12 -23.46 11.03
C PRO A 58 12.90 -22.17 10.78
N ALA A 59 12.19 -21.04 10.64
CA ALA A 59 12.84 -19.82 10.18
C ALA A 59 13.13 -18.85 11.32
N THR A 60 12.85 -19.25 12.56
CA THR A 60 13.15 -18.42 13.71
C THR A 60 14.62 -18.01 13.62
N ASN A 61 14.90 -16.75 13.96
CA ASN A 61 16.25 -16.20 13.83
C ASN A 61 17.08 -16.58 15.06
N PRO A 62 18.17 -17.36 14.89
CA PRO A 62 18.97 -17.83 16.02
C PRO A 62 19.67 -16.70 16.77
N GLU A 63 19.97 -15.60 16.05
CA GLU A 63 20.59 -14.44 16.67
C GLU A 63 19.62 -13.82 17.67
N THR A 64 18.33 -13.75 17.29
CA THR A 64 17.32 -13.15 18.16
C THR A 64 17.14 -13.99 19.41
N VAL A 65 17.12 -15.32 19.24
CA VAL A 65 17.01 -16.24 20.35
C VAL A 65 18.20 -16.01 21.30
N ALA A 66 19.40 -15.88 20.73
CA ALA A 66 20.61 -15.64 21.50
C ALA A 66 20.53 -14.34 22.29
N ARG A 67 20.03 -13.28 21.67
CA ARG A 67 19.93 -12.00 22.35
C ARG A 67 18.94 -12.09 23.51
N LEU A 68 17.92 -12.92 23.32
CA LEU A 68 16.91 -13.10 24.36
C LEU A 68 17.50 -13.89 25.51
N ARG A 69 18.20 -14.97 25.18
CA ARG A 69 18.88 -15.81 26.16
C ARG A 69 19.75 -14.96 27.08
N ARG A 70 20.58 -14.09 26.51
CA ARG A 70 21.52 -13.30 27.30
C ARG A 70 20.76 -12.37 28.24
N ALA A 71 19.71 -11.73 27.73
CA ALA A 71 18.93 -10.80 28.53
C ALA A 71 18.39 -11.49 29.79
N ILE A 72 17.94 -12.73 29.62
CA ILE A 72 17.29 -13.46 30.70
C ILE A 72 18.33 -13.89 31.72
N HIS A 73 19.51 -14.33 31.25
CA HIS A 73 20.56 -14.79 32.13
C HIS A 73 21.18 -13.62 32.89
N GLU A 74 20.97 -12.40 32.40
CA GLU A 74 21.46 -11.21 33.06
C GLU A 74 20.32 -10.50 33.77
N GLY A 75 19.14 -11.14 33.87
CA GLY A 75 18.00 -10.59 34.58
C GLY A 75 17.58 -9.19 34.10
N ARG A 76 17.52 -8.99 32.78
CA ARG A 76 17.21 -7.71 32.17
C ARG A 76 15.93 -7.79 31.32
N PRO A 77 15.21 -6.67 31.15
CA PRO A 77 14.12 -6.59 30.20
C PRO A 77 14.60 -6.74 28.77
N ALA A 78 13.68 -7.10 27.87
CA ALA A 78 13.99 -7.31 26.48
C ALA A 78 12.72 -7.14 25.64
N HIS A 79 12.89 -6.59 24.44
CA HIS A 79 11.79 -6.33 23.54
C HIS A 79 12.23 -6.66 22.12
N VAL A 80 11.82 -7.81 21.61
CA VAL A 80 12.26 -8.27 20.30
C VAL A 80 11.03 -8.60 19.46
N LEU A 81 11.27 -8.81 18.16
CA LEU A 81 10.27 -9.34 17.26
C LEU A 81 10.80 -10.67 16.76
N LEU A 82 10.06 -11.75 17.06
CA LEU A 82 10.56 -13.10 16.85
C LEU A 82 9.53 -13.89 16.08
N LEU A 83 10.00 -14.74 15.17
CA LEU A 83 9.13 -15.61 14.42
C LEU A 83 8.85 -16.86 15.25
N ASN A 84 7.55 -17.12 15.48
CA ASN A 84 7.09 -18.24 16.27
C ASN A 84 6.10 -19.02 15.41
N TYR A 85 5.64 -20.17 15.92
CA TYR A 85 4.76 -21.08 15.22
C TYR A 85 3.67 -21.56 16.18
N ARG A 86 2.44 -21.62 15.66
CA ARG A 86 1.30 -22.13 16.41
C ARG A 86 1.38 -23.66 16.45
N LYS A 87 0.54 -24.29 17.26
CA LYS A 87 0.55 -25.74 17.35
C LYS A 87 0.26 -26.35 15.98
N ASP A 88 -0.51 -25.65 15.15
CA ASP A 88 -0.89 -26.14 13.84
C ASP A 88 0.21 -25.92 12.80
N GLY A 89 1.33 -25.30 13.20
CA GLY A 89 2.49 -25.14 12.32
C GLY A 89 2.44 -23.82 11.55
N GLN A 90 1.38 -23.04 11.73
CA GLN A 90 1.25 -21.74 11.10
C GLN A 90 2.27 -20.79 11.75
N PRO A 91 3.11 -20.09 10.95
CA PRO A 91 4.00 -19.07 11.48
C PRO A 91 3.25 -17.79 11.90
N PHE A 92 3.73 -17.12 12.94
CA PHE A 92 3.18 -15.83 13.34
C PHE A 92 4.33 -14.99 13.87
N TRP A 93 4.27 -13.69 13.60
CA TRP A 93 5.27 -12.77 14.11
C TRP A 93 4.87 -12.27 15.50
N ASN A 94 5.77 -12.50 16.45
CA ASN A 94 5.52 -12.29 17.86
C ASN A 94 6.34 -11.09 18.31
N ASP A 95 5.63 -9.96 18.51
CA ASP A 95 6.14 -8.80 19.24
C ASP A 95 6.18 -9.18 20.71
N LEU A 96 7.39 -9.49 21.21
CA LEU A 96 7.59 -10.08 22.53
C LEU A 96 8.34 -9.12 23.43
N ARG A 97 7.80 -8.95 24.65
CA ARG A 97 8.37 -8.09 25.67
C ARG A 97 8.48 -8.90 26.96
N ILE A 98 9.63 -8.80 27.62
CA ILE A 98 9.90 -9.53 28.86
CA ILE A 98 9.87 -9.52 28.87
C ILE A 98 10.44 -8.54 29.89
N ALA A 99 10.01 -8.70 31.14
CA ALA A 99 10.49 -7.85 32.21
C ALA A 99 10.75 -8.71 33.44
N PRO A 100 11.88 -8.48 34.16
CA PRO A 100 12.19 -9.23 35.37
C PRO A 100 11.28 -8.85 36.52
N VAL A 101 10.94 -9.82 37.37
CA VAL A 101 10.29 -9.56 38.64
C VAL A 101 11.26 -9.85 39.78
N ARG A 102 11.46 -8.85 40.65
CA ARG A 102 12.30 -9.01 41.83
C ARG A 102 11.49 -8.78 43.10
N ASP A 103 11.85 -9.53 44.15
CA ASP A 103 11.21 -9.40 45.46
C ASP A 103 11.84 -8.23 46.21
N VAL A 104 11.53 -8.13 47.52
CA VAL A 104 11.93 -6.99 48.32
C VAL A 104 13.43 -7.06 48.60
N GLU A 105 14.02 -8.25 48.47
CA GLU A 105 15.45 -8.43 48.68
C GLU A 105 16.23 -8.12 47.40
N GLY A 106 15.52 -7.93 46.28
CA GLY A 106 16.15 -7.70 44.99
C GLY A 106 16.49 -8.99 44.27
N ARG A 107 15.96 -10.10 44.77
CA ARG A 107 16.19 -11.41 44.18
C ARG A 107 15.23 -11.55 43.00
N LEU A 108 15.79 -11.91 41.84
CA LEU A 108 15.02 -12.25 40.66
C LEU A 108 14.23 -13.53 40.95
N THR A 109 12.90 -13.42 40.91
CA THR A 109 12.01 -14.55 41.16
C THR A 109 11.34 -15.00 39.87
N HIS A 110 10.99 -14.06 38.99
CA HIS A 110 10.18 -14.38 37.83
C HIS A 110 10.51 -13.47 36.64
N PHE A 111 10.02 -13.89 35.47
CA PHE A 111 9.91 -13.02 34.31
C PHE A 111 8.44 -12.96 33.92
N VAL A 112 8.02 -11.77 33.49
CA VAL A 112 6.75 -11.61 32.81
C VAL A 112 7.05 -11.47 31.32
N GLY A 113 6.15 -11.98 30.48
CA GLY A 113 6.29 -11.90 29.04
C GLY A 113 4.96 -11.55 28.38
N ILE A 114 5.01 -10.56 27.48
CA ILE A 114 3.82 -10.13 26.77
CA ILE A 114 3.81 -10.12 26.77
C ILE A 114 4.02 -10.44 25.29
N GLN A 115 3.14 -11.28 24.74
CA GLN A 115 3.24 -11.69 23.34
C GLN A 115 2.06 -11.12 22.56
N SER A 116 2.37 -10.40 21.48
CA SER A 116 1.38 -9.82 20.57
C SER A 116 1.66 -10.29 19.14
N ASP A 117 0.62 -10.84 18.50
CA ASP A 117 0.69 -11.24 17.10
C ASP A 117 0.60 -10.01 16.20
N VAL A 118 1.66 -9.77 15.41
CA VAL A 118 1.72 -8.63 14.52
C VAL A 118 1.95 -9.12 13.10
N SER A 119 1.62 -10.39 12.83
CA SER A 119 1.74 -10.98 11.52
C SER A 119 1.08 -10.08 10.47
N ALA A 120 -0.18 -9.70 10.71
CA ALA A 120 -0.97 -8.93 9.75
C ALA A 120 -0.28 -7.60 9.46
N LYS A 121 0.18 -6.92 10.53
CA LYS A 121 0.84 -5.64 10.39
C LYS A 121 2.11 -5.79 9.55
N VAL A 122 3.00 -6.73 9.90
CA VAL A 122 4.29 -6.84 9.23
C VAL A 122 4.10 -7.38 7.82
N GLU A 123 3.04 -8.17 7.61
CA GLU A 123 2.78 -8.76 6.31
C GLU A 123 2.31 -7.68 5.35
N GLY A 124 1.56 -6.71 5.89
CA GLY A 124 1.10 -5.57 5.11
C GLY A 124 2.26 -4.65 4.74
N VAL A 125 3.24 -4.49 5.64
CA VAL A 125 4.46 -3.74 5.36
C VAL A 125 5.22 -4.37 4.19
N ARG A 126 5.40 -5.70 4.26
CA ARG A 126 6.18 -6.44 3.28
C ARG A 126 5.58 -6.25 1.90
N LEU A 127 4.25 -6.32 1.79
CA LEU A 127 3.60 -6.20 0.50
C LEU A 127 3.68 -4.76 0.01
N LEU A 128 3.46 -3.78 0.92
CA LEU A 128 3.54 -2.36 0.57
C LEU A 128 4.95 -2.00 0.12
N GLU A 129 5.96 -2.51 0.83
CA GLU A 129 7.34 -2.16 0.52
C GLU A 129 7.78 -2.85 -0.77
N GLN A 130 7.16 -3.98 -1.08
CA GLN A 130 7.46 -4.72 -2.29
C GLN A 130 6.97 -3.94 -3.51
N ALA A 131 5.73 -3.44 -3.42
CA ALA A 131 5.13 -2.61 -4.45
C ALA A 131 5.93 -1.32 -4.65
N LEU A 132 6.41 -0.76 -3.54
CA LEU A 132 7.05 0.54 -3.53
C LEU A 132 8.51 0.46 -4.03
N GLU A 133 9.16 -0.69 -3.79
CA GLU A 133 10.53 -0.93 -4.23
C GLU A 133 10.55 -1.17 -5.75
N GLU A 134 9.51 -1.86 -6.24
CA GLU A 134 9.37 -2.13 -7.66
C GLU A 134 9.24 -0.80 -8.40
N TRP A 135 8.56 0.18 -7.77
CA TRP A 135 8.40 1.51 -8.34
C TRP A 135 9.72 2.27 -8.34
N ARG A 136 10.37 2.38 -7.18
CA ARG A 136 11.54 3.23 -7.04
C ARG A 136 12.70 2.69 -7.88
N SER A 137 12.68 1.39 -8.18
CA SER A 137 13.70 0.79 -9.02
C SER A 137 13.56 1.31 -10.46
N THR A 138 12.33 1.57 -10.91
CA THR A 138 12.09 2.10 -12.24
C THR A 138 12.49 3.58 -12.30
N VAL A 139 12.31 4.30 -11.18
CA VAL A 139 12.65 5.71 -11.11
C VAL A 139 14.18 5.87 -11.08
N ASP A 140 14.88 4.80 -10.63
CA ASP A 140 16.34 4.77 -10.62
C ASP A 140 16.91 4.67 -12.04
N THR A 141 16.24 3.88 -12.91
CA THR A 141 16.64 3.75 -14.30
C THR A 141 16.31 5.06 -15.03
N LEU A 142 15.16 5.66 -14.68
CA LEU A 142 14.76 6.96 -15.18
C LEU A 142 15.53 8.07 -14.43
N ARG B 2 2.55 -14.46 44.69
CA ARG B 2 1.52 -14.95 43.72
C ARG B 2 0.30 -14.04 43.73
N ASP B 3 0.55 -12.73 43.80
CA ASP B 3 -0.51 -11.72 43.79
C ASP B 3 0.04 -10.43 43.20
N GLU B 4 1.24 -10.05 43.67
CA GLU B 4 1.99 -8.92 43.16
C GLU B 4 2.56 -9.23 41.78
N ILE B 5 2.65 -10.53 41.43
CA ILE B 5 3.25 -10.93 40.16
C ILE B 5 2.32 -10.53 39.03
N PHE B 6 1.01 -10.55 39.30
CA PHE B 6 0.04 -10.11 38.32
C PHE B 6 0.10 -8.59 38.19
N ARG B 7 0.29 -7.89 39.30
CA ARG B 7 0.43 -6.45 39.30
C ARG B 7 1.59 -6.05 38.38
N ILE B 8 2.74 -6.70 38.56
CA ILE B 8 3.93 -6.42 37.78
C ILE B 8 3.63 -6.69 36.31
N ALA B 9 2.94 -7.80 36.05
CA ALA B 9 2.62 -8.16 34.69
C ALA B 9 1.81 -7.03 34.05
N VAL B 10 0.87 -6.45 34.81
CA VAL B 10 0.07 -5.34 34.34
C VAL B 10 0.95 -4.09 34.20
N GLU B 11 1.92 -3.92 35.11
CA GLU B 11 2.78 -2.75 35.07
C GLU B 11 3.56 -2.72 33.76
N THR B 12 3.91 -3.89 33.23
CA THR B 12 4.79 -4.01 32.07
C THR B 12 3.98 -3.99 30.76
N ILE B 13 2.66 -4.20 30.87
CA ILE B 13 1.75 -4.07 29.74
C ILE B 13 1.76 -2.63 29.24
N LEU B 14 2.06 -2.46 27.94
CA LEU B 14 2.15 -1.14 27.33
C LEU B 14 0.75 -0.54 27.20
N ALA B 15 -0.22 -1.34 26.75
CA ALA B 15 -1.60 -0.91 26.65
C ALA B 15 -2.07 -0.39 28.00
N GLY B 16 -2.95 0.63 27.97
CA GLY B 16 -3.53 1.16 29.18
C GLY B 16 -4.36 0.11 29.91
N VAL B 17 -4.14 -0.03 31.22
CA VAL B 17 -4.97 -0.88 32.04
C VAL B 17 -5.45 -0.05 33.20
N VAL B 18 -6.78 -0.03 33.44
CA VAL B 18 -7.34 0.65 34.59
C VAL B 18 -8.31 -0.29 35.28
N ILE B 19 -8.57 -0.01 36.57
CA ILE B 19 -9.56 -0.71 37.37
C ILE B 19 -10.46 0.34 38.02
N THR B 20 -11.77 0.21 37.82
CA THR B 20 -12.73 1.12 38.42
C THR B 20 -13.50 0.38 39.50
N ASP B 21 -13.91 1.12 40.52
CA ASP B 21 -14.62 0.54 41.65
C ASP B 21 -16.11 0.69 41.40
N ALA B 22 -16.77 -0.43 41.09
CA ALA B 22 -18.19 -0.44 40.76
C ALA B 22 -19.06 -0.15 41.98
N GLN B 23 -18.51 -0.28 43.19
CA GLN B 23 -19.32 -0.08 44.38
C GLN B 23 -19.34 1.41 44.73
N LEU B 24 -18.20 2.09 44.60
CA LEU B 24 -18.17 3.52 44.84
C LEU B 24 -18.98 4.22 43.76
N PRO B 25 -19.55 5.42 44.05
CA PRO B 25 -20.39 6.11 43.07
C PRO B 25 -19.61 6.68 41.89
N ASP B 26 -20.18 6.53 40.68
CA ASP B 26 -19.58 7.13 39.50
C ASP B 26 -18.26 6.44 39.15
N TYR B 27 -18.15 5.16 39.52
CA TYR B 27 -17.10 4.26 39.04
C TYR B 27 -15.73 4.93 39.01
N PRO B 28 -15.19 5.38 40.16
CA PRO B 28 -13.85 5.99 40.19
C PRO B 28 -12.73 5.01 39.86
N ILE B 29 -11.72 5.51 39.15
CA ILE B 29 -10.52 4.74 38.84
C ILE B 29 -9.74 4.57 40.13
N VAL B 30 -9.45 3.32 40.48
CA VAL B 30 -8.64 3.01 41.66
C VAL B 30 -7.25 2.53 41.27
N TYR B 31 -6.99 2.33 39.98
CA TYR B 31 -5.69 1.87 39.54
C TYR B 31 -5.51 2.16 38.05
N CYS B 32 -4.27 2.47 37.67
CA CYS B 32 -3.90 2.57 36.28
C CYS B 32 -2.41 2.26 36.18
N ASN B 33 -2.00 1.58 35.10
CA ASN B 33 -0.61 1.20 34.91
C ASN B 33 0.14 2.32 34.22
N PRO B 34 1.50 2.24 34.10
CA PRO B 34 2.27 3.25 33.38
C PRO B 34 1.87 3.36 31.90
N GLY B 35 1.37 2.25 31.36
CA GLY B 35 0.88 2.19 30.00
C GLY B 35 -0.24 3.20 29.76
N PHE B 36 -1.07 3.42 30.77
CA PHE B 36 -2.19 4.33 30.70
C PHE B 36 -1.71 5.78 30.80
N VAL B 37 -0.69 6.01 31.65
CA VAL B 37 -0.08 7.32 31.79
C VAL B 37 0.53 7.77 30.47
N GLN B 38 1.23 6.85 29.77
CA GLN B 38 1.80 7.14 28.47
C GLN B 38 0.69 7.36 27.44
N LEU B 39 -0.32 6.49 27.44
CA LEU B 39 -1.43 6.61 26.50
C LEU B 39 -2.12 7.98 26.61
N THR B 40 -2.45 8.41 27.83
CA THR B 40 -3.34 9.53 28.03
C THR B 40 -2.57 10.84 28.17
N GLY B 41 -1.31 10.77 28.60
CA GLY B 41 -0.53 11.94 28.96
C GLY B 41 -0.80 12.42 30.38
N TYR B 42 -1.62 11.70 31.15
CA TYR B 42 -1.98 12.14 32.50
C TYR B 42 -1.22 11.29 33.51
N PRO B 43 -0.44 11.90 34.44
CA PRO B 43 0.15 11.16 35.54
C PRO B 43 -0.91 10.50 36.42
N SER B 44 -0.60 9.32 36.96
CA SER B 44 -1.58 8.51 37.67
C SER B 44 -2.21 9.30 38.82
N GLU B 45 -1.48 10.27 39.37
CA GLU B 45 -1.96 11.05 40.50
C GLU B 45 -3.14 11.92 40.09
N GLU B 46 -3.19 12.30 38.81
CA GLU B 46 -4.26 13.11 38.26
C GLU B 46 -5.39 12.24 37.72
N VAL B 47 -5.23 10.89 37.78
CA VAL B 47 -6.19 9.96 37.21
C VAL B 47 -7.05 9.36 38.34
N LEU B 48 -6.37 8.86 39.39
CA LEU B 48 -7.03 8.11 40.45
C LEU B 48 -8.17 8.94 41.08
N GLY B 49 -9.31 8.29 41.31
CA GLY B 49 -10.45 8.91 41.96
C GLY B 49 -11.46 9.49 40.97
N ARG B 50 -11.15 9.43 39.67
CA ARG B 50 -11.95 10.08 38.65
C ARG B 50 -12.66 9.05 37.79
N ASN B 51 -13.67 9.49 37.05
CA ASN B 51 -14.35 8.64 36.09
C ASN B 51 -13.64 8.80 34.76
N CYS B 52 -13.58 7.72 33.97
N CYS B 52 -13.61 7.73 33.96
CA CYS B 52 -12.79 7.68 32.75
CA CYS B 52 -12.78 7.70 32.77
C CYS B 52 -13.34 8.62 31.67
C CYS B 52 -13.34 8.61 31.67
N ARG B 53 -14.48 9.25 31.94
CA ARG B 53 -15.11 10.13 30.96
C ARG B 53 -14.31 11.42 30.79
N PHE B 54 -13.27 11.64 31.60
CA PHE B 54 -12.43 12.81 31.49
C PHE B 54 -11.55 12.74 30.23
N LEU B 55 -11.50 11.55 29.62
CA LEU B 55 -10.77 11.33 28.37
C LEU B 55 -11.64 11.72 27.18
N GLN B 56 -12.92 11.99 27.43
CA GLN B 56 -13.85 12.29 26.35
C GLN B 56 -13.89 13.79 26.07
N GLY B 57 -14.41 14.14 24.90
CA GLY B 57 -14.51 15.52 24.48
C GLY B 57 -15.62 15.71 23.45
N PRO B 58 -15.78 16.92 22.87
CA PRO B 58 -16.88 17.24 21.97
C PRO B 58 -17.02 16.35 20.74
N ALA B 59 -15.94 15.76 20.24
CA ALA B 59 -15.99 14.96 19.02
C ALA B 59 -16.19 13.48 19.31
N THR B 60 -16.25 13.10 20.60
CA THR B 60 -16.56 11.73 20.99
C THR B 60 -18.00 11.40 20.59
N ASN B 61 -18.21 10.22 19.99
CA ASN B 61 -19.50 9.82 19.47
C ASN B 61 -20.44 9.47 20.63
N PRO B 62 -21.54 10.23 20.83
CA PRO B 62 -22.47 9.99 21.94
C PRO B 62 -23.14 8.61 21.91
N GLU B 63 -23.35 8.04 20.71
CA GLU B 63 -23.94 6.71 20.59
C GLU B 63 -23.00 5.67 21.20
N THR B 64 -21.69 5.80 20.95
CA THR B 64 -20.71 4.87 21.48
C THR B 64 -20.66 4.99 23.00
N VAL B 65 -20.69 6.23 23.51
CA VAL B 65 -20.64 6.46 24.94
C VAL B 65 -21.85 5.81 25.60
N ALA B 66 -23.04 6.03 25.02
CA ALA B 66 -24.29 5.54 25.59
C ALA B 66 -24.31 4.01 25.62
N ARG B 67 -23.87 3.40 24.51
CA ARG B 67 -23.79 1.96 24.43
C ARG B 67 -22.87 1.41 25.52
N LEU B 68 -21.80 2.16 25.81
CA LEU B 68 -20.84 1.78 26.82
C LEU B 68 -21.47 1.94 28.20
N ARG B 69 -22.21 3.03 28.39
CA ARG B 69 -22.83 3.34 29.67
C ARG B 69 -23.82 2.24 30.05
N ARG B 70 -24.50 1.70 29.03
CA ARG B 70 -25.54 0.70 29.20
C ARG B 70 -24.90 -0.63 29.62
N ALA B 71 -23.78 -0.97 28.99
CA ALA B 71 -23.07 -2.20 29.33
C ALA B 71 -22.65 -2.18 30.80
N ILE B 72 -22.17 -1.02 31.26
CA ILE B 72 -21.62 -0.87 32.60
C ILE B 72 -22.76 -0.91 33.63
N HIS B 73 -23.88 -0.24 33.34
CA HIS B 73 -25.06 -0.25 34.21
C HIS B 73 -25.67 -1.65 34.27
N GLU B 74 -25.50 -2.44 33.20
CA GLU B 74 -25.99 -3.83 33.18
C GLU B 74 -24.88 -4.80 33.59
N GLY B 75 -23.79 -4.31 34.16
CA GLY B 75 -22.67 -5.14 34.61
C GLY B 75 -22.17 -6.13 33.55
N ARG B 76 -22.11 -5.70 32.28
CA ARG B 76 -21.71 -6.54 31.17
C ARG B 76 -20.36 -6.11 30.58
N PRO B 77 -19.65 -7.00 29.86
CA PRO B 77 -18.49 -6.58 29.08
C PRO B 77 -18.89 -5.75 27.87
N ALA B 78 -17.90 -5.01 27.33
CA ALA B 78 -18.14 -4.19 26.16
C ALA B 78 -16.82 -3.97 25.44
N HIS B 79 -16.92 -3.65 24.15
CA HIS B 79 -15.75 -3.34 23.34
C HIS B 79 -16.16 -2.25 22.35
N VAL B 80 -15.46 -1.12 22.37
CA VAL B 80 -15.87 0.02 21.56
C VAL B 80 -14.62 0.74 21.08
N LEU B 81 -14.74 1.39 19.93
CA LEU B 81 -13.76 2.32 19.43
C LEU B 81 -14.31 3.73 19.63
N LEU B 82 -13.51 4.56 20.31
CA LEU B 82 -13.98 5.81 20.88
C LEU B 82 -12.88 6.85 20.71
N LEU B 83 -13.28 8.09 20.42
CA LEU B 83 -12.32 9.18 20.32
C LEU B 83 -12.06 9.77 21.70
N ASN B 84 -10.79 9.76 22.10
CA ASN B 84 -10.38 10.33 23.37
C ASN B 84 -9.38 11.45 23.13
N TYR B 85 -9.01 12.12 24.22
CA TYR B 85 -8.14 13.28 24.18
C TYR B 85 -7.05 13.12 25.22
N ARG B 86 -5.81 13.42 24.85
CA ARG B 86 -4.73 13.40 25.82
C ARG B 86 -4.81 14.68 26.66
N LYS B 87 -4.05 14.69 27.76
CA LYS B 87 -4.00 15.85 28.63
C LYS B 87 -3.75 17.11 27.80
N ASP B 88 -2.84 17.03 26.83
CA ASP B 88 -2.46 18.16 25.99
C ASP B 88 -3.52 18.47 24.93
N GLY B 89 -4.65 17.73 24.89
CA GLY B 89 -5.71 17.97 23.92
C GLY B 89 -5.55 17.15 22.64
N GLN B 90 -4.43 16.43 22.52
CA GLN B 90 -4.14 15.61 21.35
C GLN B 90 -5.21 14.53 21.25
N PRO B 91 -6.04 14.52 20.18
CA PRO B 91 -7.01 13.46 19.99
C PRO B 91 -6.43 12.14 19.50
N PHE B 92 -7.05 11.03 19.91
CA PHE B 92 -6.60 9.69 19.52
C PHE B 92 -7.79 8.73 19.50
N TRP B 93 -7.62 7.63 18.76
CA TRP B 93 -8.60 6.55 18.73
C TRP B 93 -8.28 5.50 19.79
N ASN B 94 -9.26 5.24 20.66
CA ASN B 94 -9.08 4.37 21.80
C ASN B 94 -9.89 3.10 21.57
N ASP B 95 -9.16 1.99 21.46
CA ASP B 95 -9.75 0.66 21.37
C ASP B 95 -9.95 0.16 22.81
N LEU B 96 -11.18 0.37 23.33
CA LEU B 96 -11.49 0.16 24.74
C LEU B 96 -12.31 -1.12 24.92
N ARG B 97 -11.77 -2.03 25.75
CA ARG B 97 -12.48 -3.23 26.16
C ARG B 97 -12.59 -3.27 27.69
N ILE B 98 -13.82 -3.44 28.19
CA ILE B 98 -14.05 -3.54 29.62
C ILE B 98 -14.60 -4.92 29.95
N ALA B 99 -14.30 -5.38 31.18
CA ALA B 99 -14.78 -6.63 31.70
C ALA B 99 -15.20 -6.45 33.15
N PRO B 100 -16.38 -6.96 33.53
CA PRO B 100 -16.81 -6.91 34.92
C PRO B 100 -16.01 -7.88 35.78
N VAL B 101 -15.94 -7.58 37.08
CA VAL B 101 -15.27 -8.40 38.08
C VAL B 101 -16.27 -8.70 39.21
N ARG B 102 -16.46 -9.98 39.50
CA ARG B 102 -17.40 -10.38 40.53
C ARG B 102 -16.67 -11.22 41.58
N ASP B 103 -16.97 -10.94 42.85
CA ASP B 103 -16.49 -11.75 43.97
C ASP B 103 -17.13 -13.14 43.93
N VAL B 104 -16.89 -13.94 44.97
CA VAL B 104 -17.40 -15.30 45.06
C VAL B 104 -18.90 -15.26 45.36
N GLU B 105 -19.37 -14.16 45.97
CA GLU B 105 -20.80 -13.95 46.20
C GLU B 105 -21.53 -13.50 44.94
N GLY B 106 -20.79 -13.24 43.86
CA GLY B 106 -21.37 -12.85 42.58
C GLY B 106 -21.72 -11.36 42.56
N ARG B 107 -21.26 -10.62 43.57
CA ARG B 107 -21.41 -9.17 43.59
C ARG B 107 -20.41 -8.55 42.62
N LEU B 108 -20.82 -7.51 41.91
CA LEU B 108 -19.92 -6.76 41.03
C LEU B 108 -19.12 -5.75 41.86
N THR B 109 -17.79 -5.89 41.86
CA THR B 109 -16.93 -5.08 42.71
C THR B 109 -16.13 -4.10 41.87
N HIS B 110 -15.84 -4.44 40.61
CA HIS B 110 -14.96 -3.62 39.80
C HIS B 110 -15.19 -3.86 38.31
N PHE B 111 -14.63 -2.96 37.50
CA PHE B 111 -14.49 -3.18 36.08
C PHE B 111 -13.01 -3.11 35.75
N VAL B 112 -12.58 -3.99 34.84
CA VAL B 112 -11.25 -3.93 34.25
C VAL B 112 -11.37 -3.24 32.89
N GLY B 113 -10.51 -2.25 32.64
CA GLY B 113 -10.48 -1.53 31.38
C GLY B 113 -9.11 -1.62 30.72
N ILE B 114 -9.12 -1.98 29.44
CA ILE B 114 -7.91 -2.13 28.65
C ILE B 114 -8.04 -1.23 27.42
N GLN B 115 -7.20 -0.19 27.37
CA GLN B 115 -7.22 0.83 26.34
C GLN B 115 -5.97 0.72 25.47
N SER B 116 -6.18 0.71 24.15
CA SER B 116 -5.10 0.75 23.17
C SER B 116 -5.34 1.89 22.18
N ASP B 117 -4.29 2.68 21.96
CA ASP B 117 -4.27 3.71 20.94
C ASP B 117 -4.08 3.07 19.57
N VAL B 118 -5.13 3.05 18.76
CA VAL B 118 -5.11 2.39 17.46
C VAL B 118 -5.19 3.44 16.35
N SER B 119 -4.82 4.70 16.68
CA SER B 119 -4.84 5.80 15.73
C SER B 119 -4.04 5.48 14.48
N ALA B 120 -2.81 5.00 14.68
CA ALA B 120 -1.89 4.67 13.60
C ALA B 120 -2.48 3.58 12.72
N LYS B 121 -3.21 2.64 13.34
CA LYS B 121 -3.81 1.54 12.60
C LYS B 121 -4.99 2.04 11.76
N VAL B 122 -5.79 2.95 12.31
CA VAL B 122 -6.96 3.49 11.62
C VAL B 122 -6.49 4.34 10.45
N GLU B 123 -5.47 5.16 10.70
CA GLU B 123 -4.94 6.04 9.68
C GLU B 123 -4.31 5.21 8.57
N GLY B 124 -3.57 4.17 8.96
CA GLY B 124 -2.93 3.26 8.02
C GLY B 124 -3.88 2.75 6.94
N VAL B 125 -5.07 2.29 7.35
CA VAL B 125 -6.06 1.74 6.43
C VAL B 125 -6.53 2.86 5.49
N ARG B 126 -6.86 4.02 6.07
CA ARG B 126 -7.38 5.16 5.32
C ARG B 126 -6.38 5.57 4.25
N LEU B 127 -5.09 5.66 4.65
CA LEU B 127 -4.00 6.07 3.77
C LEU B 127 -3.78 5.05 2.66
N LEU B 128 -3.83 3.77 3.02
CA LEU B 128 -3.60 2.70 2.07
C LEU B 128 -4.77 2.61 1.08
N GLU B 129 -5.98 2.89 1.53
CA GLU B 129 -7.14 2.92 0.64
C GLU B 129 -6.99 4.10 -0.33
N GLN B 130 -6.53 5.25 0.18
CA GLN B 130 -6.43 6.46 -0.61
C GLN B 130 -5.34 6.27 -1.65
N ALA B 131 -4.24 5.64 -1.26
CA ALA B 131 -3.14 5.34 -2.16
C ALA B 131 -3.61 4.39 -3.26
N LEU B 132 -4.40 3.39 -2.87
CA LEU B 132 -4.95 2.44 -3.82
C LEU B 132 -5.71 3.17 -4.91
N GLU B 133 -6.58 4.11 -4.52
CA GLU B 133 -7.37 4.85 -5.48
C GLU B 133 -6.43 5.60 -6.43
N GLU B 134 -5.39 6.24 -5.87
CA GLU B 134 -4.47 7.00 -6.69
C GLU B 134 -3.85 6.10 -7.74
N TRP B 135 -3.39 4.92 -7.32
CA TRP B 135 -2.70 4.00 -8.21
C TRP B 135 -3.66 3.38 -9.21
N ARG B 136 -4.91 3.08 -8.79
CA ARG B 136 -5.92 2.60 -9.71
C ARG B 136 -6.21 3.64 -10.79
N SER B 137 -6.01 4.92 -10.48
CA SER B 137 -6.29 6.01 -11.40
C SER B 137 -5.29 6.05 -12.55
N THR B 138 -4.16 5.34 -12.43
CA THR B 138 -3.13 5.31 -13.46
C THR B 138 -3.54 4.33 -14.56
N VAL B 139 -4.59 3.53 -14.32
CA VAL B 139 -5.09 2.55 -15.27
C VAL B 139 -6.62 2.72 -15.42
N ASP B 140 -7.06 3.29 -16.55
CA ASP B 140 -8.48 3.55 -16.79
C ASP B 140 -9.27 2.23 -16.83
N THR B 141 -9.99 1.96 -15.72
CA THR B 141 -10.69 0.69 -15.52
C THR B 141 -9.98 -0.10 -14.43
N MET C 1 -6.45 5.48 -47.35
CA MET C 1 -5.44 6.51 -46.98
C MET C 1 -4.10 5.80 -46.75
N ARG C 2 -3.13 6.51 -46.15
CA ARG C 2 -1.91 5.88 -45.67
C ARG C 2 -1.30 6.78 -44.59
N ASP C 3 -0.93 8.01 -44.99
CA ASP C 3 -0.32 8.97 -44.09
C ASP C 3 -1.31 9.31 -42.98
N GLU C 4 -2.55 9.63 -43.39
CA GLU C 4 -3.57 10.13 -42.48
C GLU C 4 -3.87 9.12 -41.36
N ILE C 5 -3.76 7.83 -41.65
CA ILE C 5 -4.13 6.79 -40.70
C ILE C 5 -3.24 6.93 -39.46
N PHE C 6 -1.94 7.07 -39.69
CA PHE C 6 -0.97 7.18 -38.61
C PHE C 6 -1.27 8.41 -37.76
N ARG C 7 -1.81 9.46 -38.40
CA ARG C 7 -2.24 10.66 -37.70
C ARG C 7 -3.30 10.30 -36.65
N ILE C 8 -4.28 9.48 -37.05
CA ILE C 8 -5.37 9.11 -36.15
C ILE C 8 -4.80 8.18 -35.07
N ALA C 9 -3.78 7.40 -35.41
CA ALA C 9 -3.10 6.54 -34.46
C ALA C 9 -2.45 7.38 -33.37
N VAL C 10 -1.67 8.38 -33.77
CA VAL C 10 -1.03 9.28 -32.84
C VAL C 10 -2.09 10.01 -32.00
N GLU C 11 -3.25 10.29 -32.58
CA GLU C 11 -4.30 10.99 -31.86
C GLU C 11 -5.00 10.07 -30.87
N THR C 12 -4.82 8.75 -31.04
CA THR C 12 -5.48 7.78 -30.21
C THR C 12 -4.69 7.61 -28.90
N ILE C 13 -3.38 7.88 -28.97
CA ILE C 13 -2.53 7.86 -27.80
C ILE C 13 -3.06 8.87 -26.78
N LEU C 14 -3.48 8.38 -25.61
CA LEU C 14 -3.96 9.25 -24.55
C LEU C 14 -2.78 10.01 -23.96
N ALA C 15 -1.64 9.32 -23.86
CA ALA C 15 -0.39 9.94 -23.44
C ALA C 15 -0.05 11.12 -24.35
N GLY C 16 0.56 12.15 -23.75
CA GLY C 16 0.97 13.31 -24.52
C GLY C 16 1.95 12.92 -25.62
N VAL C 17 1.79 13.52 -26.80
CA VAL C 17 2.70 13.27 -27.90
C VAL C 17 3.04 14.61 -28.53
N VAL C 18 4.34 14.90 -28.65
CA VAL C 18 4.80 16.08 -29.36
C VAL C 18 5.83 15.63 -30.38
N ILE C 19 5.79 16.30 -31.53
CA ILE C 19 6.83 16.18 -32.53
C ILE C 19 7.46 17.56 -32.62
N THR C 20 8.79 17.61 -32.46
CA THR C 20 9.54 18.84 -32.52
C THR C 20 10.36 18.83 -33.81
N ASP C 21 10.53 20.01 -34.43
CA ASP C 21 11.37 20.14 -35.61
C ASP C 21 12.82 20.34 -35.18
N ALA C 22 13.67 19.33 -35.46
CA ALA C 22 15.06 19.34 -35.03
C ALA C 22 15.98 20.05 -36.03
N GLN C 23 15.38 20.78 -36.97
CA GLN C 23 16.14 21.62 -37.88
C GLN C 23 15.90 23.08 -37.54
N LEU C 24 14.62 23.45 -37.34
CA LEU C 24 14.26 24.82 -37.00
C LEU C 24 14.98 25.23 -35.71
N PRO C 25 15.32 26.54 -35.56
CA PRO C 25 15.96 27.03 -34.34
C PRO C 25 15.11 26.83 -33.08
N ASP C 26 15.71 26.22 -32.05
CA ASP C 26 15.09 26.09 -30.73
C ASP C 26 14.05 24.96 -30.74
N TYR C 27 14.33 23.91 -31.53
CA TYR C 27 13.51 22.70 -31.60
C TYR C 27 12.04 22.98 -31.30
N PRO C 28 11.34 23.80 -32.12
CA PRO C 28 9.95 24.11 -31.84
C PRO C 28 9.03 22.91 -31.98
N ILE C 29 7.90 22.95 -31.30
CA ILE C 29 6.88 21.92 -31.43
C ILE C 29 6.07 22.24 -32.69
N VAL C 30 6.05 21.26 -33.61
CA VAL C 30 5.31 21.38 -34.87
C VAL C 30 3.96 20.67 -34.75
N TYR C 31 3.87 19.66 -33.88
CA TYR C 31 2.62 18.92 -33.67
C TYR C 31 2.52 18.47 -32.22
N CYS C 32 1.29 18.48 -31.70
CA CYS C 32 0.97 17.87 -30.41
C CYS C 32 -0.43 17.27 -30.46
N ASN C 33 -0.60 16.08 -29.86
CA ASN C 33 -1.88 15.38 -29.92
C ASN C 33 -2.83 15.97 -28.88
N PRO C 34 -4.12 15.58 -28.87
CA PRO C 34 -5.07 16.05 -27.87
C PRO C 34 -4.69 15.67 -26.43
N GLY C 35 -4.01 14.53 -26.27
CA GLY C 35 -3.58 14.07 -24.95
C GLY C 35 -2.65 15.08 -24.27
N PHE C 36 -1.77 15.68 -25.07
CA PHE C 36 -0.84 16.70 -24.60
C PHE C 36 -1.59 17.97 -24.20
N VAL C 37 -2.66 18.28 -24.92
CA VAL C 37 -3.48 19.43 -24.60
C VAL C 37 -4.14 19.21 -23.24
N GLN C 38 -4.62 17.99 -22.99
CA GLN C 38 -5.32 17.69 -21.75
C GLN C 38 -4.31 17.70 -20.60
N LEU C 39 -3.16 17.06 -20.83
CA LEU C 39 -2.11 16.92 -19.82
C LEU C 39 -1.63 18.27 -19.29
N THR C 40 -1.29 19.18 -20.21
CA THR C 40 -0.64 20.44 -19.86
C THR C 40 -1.67 21.54 -19.63
N GLY C 41 -2.79 21.48 -20.36
CA GLY C 41 -3.84 22.48 -20.23
C GLY C 41 -3.68 23.60 -21.25
N TYR C 42 -2.63 23.49 -22.09
CA TYR C 42 -2.37 24.44 -23.15
C TYR C 42 -3.08 23.99 -24.41
N PRO C 43 -3.90 24.85 -25.06
CA PRO C 43 -4.36 24.57 -26.42
C PRO C 43 -3.22 24.51 -27.42
N SER C 44 -3.45 23.84 -28.55
CA SER C 44 -2.41 23.59 -29.55
C SER C 44 -1.86 24.89 -30.13
N GLU C 45 -2.67 25.95 -30.15
CA GLU C 45 -2.26 27.25 -30.64
C GLU C 45 -1.11 27.77 -29.77
N GLU C 46 -1.27 27.63 -28.43
CA GLU C 46 -0.31 28.14 -27.45
C GLU C 46 0.83 27.15 -27.21
N VAL C 47 0.99 26.15 -28.09
CA VAL C 47 2.00 25.11 -27.95
C VAL C 47 2.87 25.07 -29.19
N LEU C 48 2.21 24.91 -30.35
CA LEU C 48 2.88 24.79 -31.64
C LEU C 48 3.80 25.99 -31.85
N GLY C 49 5.07 25.68 -32.16
CA GLY C 49 6.06 26.70 -32.46
C GLY C 49 6.75 27.25 -31.21
N ARG C 50 6.70 26.49 -30.11
CA ARG C 50 7.41 26.84 -28.90
C ARG C 50 8.30 25.66 -28.50
N ASN C 51 9.40 25.94 -27.80
CA ASN C 51 10.20 24.89 -27.18
C ASN C 51 9.45 24.38 -25.94
N CYS C 52 9.59 23.08 -25.66
CA CYS C 52 8.81 22.38 -24.65
CA CYS C 52 8.80 22.39 -24.65
C CYS C 52 9.24 22.79 -23.24
N ARG C 53 10.33 23.57 -23.14
CA ARG C 53 10.84 24.02 -21.87
C ARG C 53 9.84 24.93 -21.17
N PHE C 54 8.84 25.44 -21.91
CA PHE C 54 7.86 26.34 -21.32
C PHE C 54 7.07 25.62 -20.23
N LEU C 55 7.20 24.28 -20.19
CA LEU C 55 6.52 23.46 -19.19
C LEU C 55 7.25 23.49 -17.86
N GLN C 56 8.55 23.81 -17.87
CA GLN C 56 9.39 23.79 -16.68
C GLN C 56 9.07 24.98 -15.77
N GLY C 57 9.48 24.87 -14.50
CA GLY C 57 9.16 25.89 -13.52
C GLY C 57 10.15 25.88 -12.37
N PRO C 58 9.87 26.65 -11.29
CA PRO C 58 10.81 26.87 -10.20
C PRO C 58 11.50 25.63 -9.62
N ALA C 59 10.78 24.53 -9.45
CA ALA C 59 11.31 23.38 -8.72
C ALA C 59 11.87 22.32 -9.67
N THR C 60 11.76 22.54 -10.98
CA THR C 60 12.19 21.56 -11.97
C THR C 60 13.66 21.27 -11.73
N ASN C 61 14.00 19.98 -11.66
CA ASN C 61 15.35 19.57 -11.33
C ASN C 61 16.31 19.94 -12.47
N PRO C 62 17.27 20.89 -12.24
CA PRO C 62 18.21 21.29 -13.27
C PRO C 62 19.07 20.15 -13.82
N GLU C 63 19.36 19.16 -12.99
CA GLU C 63 20.13 18.00 -13.39
C GLU C 63 19.37 17.22 -14.47
N THR C 64 18.07 16.99 -14.25
CA THR C 64 17.26 16.22 -15.17
C THR C 64 17.21 16.94 -16.53
N VAL C 65 17.04 18.27 -16.49
CA VAL C 65 16.98 19.09 -17.70
C VAL C 65 18.31 19.02 -18.45
N ALA C 66 19.41 18.87 -17.70
CA ALA C 66 20.74 18.83 -18.29
C ALA C 66 20.95 17.51 -19.04
N ARG C 67 20.57 16.39 -18.42
CA ARG C 67 20.70 15.09 -19.05
C ARG C 67 19.80 15.03 -20.28
N LEU C 68 18.66 15.72 -20.21
CA LEU C 68 17.69 15.73 -21.28
C LEU C 68 18.23 16.51 -22.47
N ARG C 69 18.87 17.64 -22.18
CA ARG C 69 19.40 18.53 -23.21
C ARG C 69 20.57 17.88 -23.94
N ARG C 70 21.36 17.07 -23.19
CA ARG C 70 22.57 16.45 -23.72
C ARG C 70 22.19 15.49 -24.85
N ALA C 71 21.26 14.58 -24.54
CA ALA C 71 20.77 13.58 -25.48
C ALA C 71 20.22 14.23 -26.74
N ILE C 72 19.49 15.34 -26.60
CA ILE C 72 18.88 16.02 -27.74
C ILE C 72 19.98 16.45 -28.71
N HIS C 73 20.93 17.26 -28.22
CA HIS C 73 22.02 17.75 -29.02
C HIS C 73 22.84 16.59 -29.59
N GLU C 74 22.82 15.43 -28.91
CA GLU C 74 23.48 14.22 -29.37
C GLU C 74 22.54 13.26 -30.11
N GLY C 75 21.37 13.75 -30.55
CA GLY C 75 20.36 12.94 -31.24
C GLY C 75 20.26 11.51 -30.68
N ARG C 76 20.06 11.39 -29.36
CA ARG C 76 19.95 10.09 -28.72
C ARG C 76 18.65 10.05 -27.91
N PRO C 77 18.09 8.85 -27.63
CA PRO C 77 16.84 8.73 -26.89
C PRO C 77 17.06 8.94 -25.39
N ALA C 78 15.99 9.27 -24.69
CA ALA C 78 16.10 9.52 -23.26
C ALA C 78 14.75 9.26 -22.59
N HIS C 79 14.81 8.85 -21.32
CA HIS C 79 13.63 8.60 -20.52
C HIS C 79 13.86 9.15 -19.11
N VAL C 80 13.08 10.17 -18.72
CA VAL C 80 13.28 10.85 -17.46
C VAL C 80 11.93 11.10 -16.77
N LEU C 81 12.00 11.36 -15.46
CA LEU C 81 10.88 11.81 -14.67
C LEU C 81 11.13 13.27 -14.29
N LEU C 82 10.23 14.16 -14.73
CA LEU C 82 10.49 15.59 -14.66
C LEU C 82 9.28 16.32 -14.11
N LEU C 83 9.52 17.33 -13.28
CA LEU C 83 8.46 18.17 -12.76
C LEU C 83 8.16 19.25 -13.77
N ASN C 84 6.91 19.29 -14.21
CA ASN C 84 6.42 20.33 -15.11
C ASN C 84 5.28 21.06 -14.42
N TYR C 85 4.79 22.09 -15.11
CA TYR C 85 3.68 22.91 -14.65
C TYR C 85 2.66 23.06 -15.79
N ARG C 86 1.38 23.01 -15.41
CA ARG C 86 0.28 23.17 -16.35
C ARG C 86 0.04 24.66 -16.53
N LYS C 87 -0.65 25.02 -17.62
CA LYS C 87 -1.01 26.39 -17.92
C LYS C 87 -1.63 27.05 -16.68
N ASP C 88 -2.46 26.31 -15.95
CA ASP C 88 -3.10 26.87 -14.76
C ASP C 88 -2.11 26.93 -13.59
N GLY C 89 -0.80 26.74 -13.87
CA GLY C 89 0.22 26.85 -12.84
C GLY C 89 0.28 25.65 -11.90
N GLN C 90 -0.44 24.57 -12.23
CA GLN C 90 -0.50 23.37 -11.42
C GLN C 90 0.72 22.50 -11.71
N PRO C 91 1.49 22.05 -10.69
CA PRO C 91 2.62 21.15 -10.92
C PRO C 91 2.18 19.72 -11.20
N PHE C 92 2.94 19.01 -12.02
CA PHE C 92 2.68 17.61 -12.29
C PHE C 92 3.98 16.90 -12.62
N TRP C 93 4.02 15.59 -12.35
CA TRP C 93 5.18 14.77 -12.64
C TRP C 93 5.01 14.14 -14.01
N ASN C 94 6.00 14.39 -14.86
CA ASN C 94 5.95 14.06 -16.27
C ASN C 94 6.91 12.90 -16.51
N ASP C 95 6.36 11.71 -16.76
CA ASP C 95 7.15 10.60 -17.24
C ASP C 95 7.44 10.82 -18.72
N LEU C 96 8.63 11.31 -19.03
CA LEU C 96 8.93 11.79 -20.38
C LEU C 96 9.94 10.88 -21.07
N ARG C 97 9.59 10.39 -22.28
CA ARG C 97 10.50 9.60 -23.11
C ARG C 97 10.58 10.25 -24.49
N ILE C 98 11.80 10.54 -24.96
CA ILE C 98 11.99 11.17 -26.25
CA ILE C 98 11.99 11.17 -26.25
C ILE C 98 12.83 10.25 -27.13
N ALA C 99 12.52 10.25 -28.43
CA ALA C 99 13.24 9.46 -29.40
C ALA C 99 13.54 10.30 -30.64
N PRO C 100 14.75 10.14 -31.21
CA PRO C 100 15.13 10.87 -32.42
C PRO C 100 14.49 10.29 -33.69
N VAL C 101 14.21 11.17 -34.66
CA VAL C 101 13.52 10.81 -35.89
C VAL C 101 14.41 11.10 -37.09
N ARG C 102 14.78 10.05 -37.82
CA ARG C 102 15.75 10.14 -38.90
C ARG C 102 15.11 9.84 -40.25
N ASP C 103 15.56 10.58 -41.28
CA ASP C 103 15.10 10.41 -42.65
C ASP C 103 15.80 9.20 -43.26
N VAL C 104 15.60 9.02 -44.57
CA VAL C 104 16.15 7.89 -45.32
C VAL C 104 17.66 8.04 -45.48
N GLU C 105 18.17 9.28 -45.41
CA GLU C 105 19.60 9.54 -45.42
C GLU C 105 20.17 9.57 -43.99
N GLY C 106 19.35 9.24 -42.99
CA GLY C 106 19.81 9.12 -41.61
C GLY C 106 20.06 10.48 -40.95
N ARG C 107 19.51 11.56 -41.55
CA ARG C 107 19.63 12.90 -41.01
C ARG C 107 18.52 13.12 -39.97
N LEU C 108 18.93 13.60 -38.78
CA LEU C 108 18.03 13.91 -37.67
C LEU C 108 17.10 15.04 -38.08
N THR C 109 15.80 14.76 -38.17
CA THR C 109 14.81 15.71 -38.70
C THR C 109 13.92 16.22 -37.57
N HIS C 110 13.46 15.30 -36.73
CA HIS C 110 12.52 15.61 -35.67
C HIS C 110 12.88 14.83 -34.40
N PHE C 111 12.26 15.24 -33.29
CA PHE C 111 12.19 14.41 -32.10
C PHE C 111 10.73 14.05 -31.82
N VAL C 112 10.52 12.88 -31.21
CA VAL C 112 9.19 12.50 -30.78
C VAL C 112 9.22 12.26 -29.26
N GLY C 113 8.36 12.97 -28.54
CA GLY C 113 8.28 12.84 -27.09
C GLY C 113 6.91 12.33 -26.67
N ILE C 114 6.92 11.39 -25.70
CA ILE C 114 5.70 10.87 -25.12
C ILE C 114 5.68 11.24 -23.63
N GLN C 115 4.62 11.95 -23.24
CA GLN C 115 4.49 12.45 -21.88
C GLN C 115 3.34 11.72 -21.19
N SER C 116 3.61 11.24 -19.98
CA SER C 116 2.56 10.66 -19.15
C SER C 116 2.59 11.29 -17.76
N ASP C 117 1.43 11.80 -17.32
CA ASP C 117 1.30 12.35 -15.99
C ASP C 117 1.25 11.18 -15.01
N VAL C 118 2.29 11.06 -14.18
CA VAL C 118 2.34 10.01 -13.18
C VAL C 118 2.22 10.62 -11.78
N SER C 119 1.55 11.79 -11.69
CA SER C 119 1.42 12.51 -10.44
C SER C 119 0.69 11.66 -9.40
N ALA C 120 -0.28 10.87 -9.88
CA ALA C 120 -1.11 10.03 -9.03
C ALA C 120 -0.26 8.95 -8.38
N LYS C 121 0.67 8.40 -9.15
CA LYS C 121 1.49 7.32 -8.66
C LYS C 121 2.46 7.87 -7.61
N VAL C 122 2.96 9.09 -7.85
CA VAL C 122 3.82 9.75 -6.89
C VAL C 122 3.03 10.03 -5.62
N GLU C 123 1.77 10.49 -5.77
CA GLU C 123 0.93 10.79 -4.62
C GLU C 123 0.70 9.53 -3.80
N GLY C 124 0.38 8.43 -4.48
CA GLY C 124 0.17 7.16 -3.82
C GLY C 124 1.38 6.73 -3.00
N VAL C 125 2.59 6.92 -3.55
CA VAL C 125 3.84 6.64 -2.87
C VAL C 125 3.92 7.50 -1.61
N ARG C 126 3.62 8.77 -1.73
CA ARG C 126 3.67 9.66 -0.59
C ARG C 126 2.76 9.11 0.53
N LEU C 127 1.57 8.63 0.14
CA LEU C 127 0.57 8.18 1.09
C LEU C 127 1.04 6.90 1.77
N LEU C 128 1.66 5.99 1.01
CA LEU C 128 2.24 4.77 1.54
C LEU C 128 3.41 5.05 2.49
N GLU C 129 4.31 5.96 2.10
CA GLU C 129 5.48 6.25 2.92
C GLU C 129 5.00 6.83 4.25
N GLN C 130 3.90 7.59 4.20
CA GLN C 130 3.35 8.20 5.39
C GLN C 130 2.77 7.15 6.33
N ALA C 131 2.07 6.17 5.74
CA ALA C 131 1.49 5.06 6.50
C ALA C 131 2.56 4.19 7.13
N LEU C 132 3.78 4.18 6.57
CA LEU C 132 4.84 3.33 7.06
C LEU C 132 5.63 4.02 8.17
N GLU C 133 5.46 5.35 8.33
CA GLU C 133 6.17 6.09 9.38
C GLU C 133 5.96 5.42 10.74
N GLU C 134 4.71 5.07 11.07
CA GLU C 134 4.38 4.47 12.36
C GLU C 134 5.23 3.23 12.62
N TRP C 135 5.11 2.22 11.74
CA TRP C 135 5.87 0.99 11.86
C TRP C 135 7.38 1.26 11.95
N ARG C 136 7.89 2.13 11.07
CA ARG C 136 9.33 2.37 10.96
C ARG C 136 9.94 2.79 12.29
N SER C 137 9.14 3.42 13.16
CA SER C 137 9.59 3.81 14.49
C SER C 137 9.37 2.63 15.46
N ARG D 2 4.31 17.61 -42.68
CA ARG D 2 4.05 16.42 -43.53
C ARG D 2 3.24 15.41 -42.71
N ASP D 3 2.74 14.37 -43.40
CA ASP D 3 2.04 13.25 -42.76
C ASP D 3 2.90 11.98 -42.85
N GLU D 4 4.03 12.07 -43.57
CA GLU D 4 5.01 11.00 -43.60
C GLU D 4 5.75 10.96 -42.26
N ILE D 5 5.67 12.06 -41.51
CA ILE D 5 6.26 12.17 -40.18
C ILE D 5 5.60 11.12 -39.27
N PHE D 6 4.28 11.20 -39.17
CA PHE D 6 3.48 10.35 -38.29
C PHE D 6 3.95 8.89 -38.35
N ARG D 7 4.30 8.44 -39.56
CA ARG D 7 4.66 7.05 -39.79
C ARG D 7 6.00 6.74 -39.13
N ILE D 8 7.00 7.58 -39.38
CA ILE D 8 8.34 7.36 -38.85
C ILE D 8 8.33 7.56 -37.33
N ALA D 9 7.46 8.45 -36.87
CA ALA D 9 7.25 8.68 -35.45
C ALA D 9 6.71 7.41 -34.80
N VAL D 10 5.70 6.80 -35.44
CA VAL D 10 5.10 5.56 -34.92
C VAL D 10 6.14 4.46 -34.85
N GLU D 11 7.13 4.50 -35.76
CA GLU D 11 8.18 3.48 -35.84
C GLU D 11 9.17 3.58 -34.67
N THR D 12 9.15 4.70 -33.93
CA THR D 12 10.08 4.91 -32.83
C THR D 12 9.40 4.55 -31.51
N ILE D 13 8.19 5.11 -31.29
CA ILE D 13 7.39 4.87 -30.09
C ILE D 13 7.63 3.45 -29.61
N LEU D 14 7.83 3.31 -28.30
CA LEU D 14 8.05 2.00 -27.67
C LEU D 14 6.73 1.22 -27.61
N ALA D 15 5.62 1.96 -27.42
CA ALA D 15 4.28 1.42 -27.31
C ALA D 15 3.88 0.75 -28.62
N GLY D 16 3.11 -0.34 -28.50
CA GLY D 16 2.64 -1.07 -29.66
C GLY D 16 1.64 -0.26 -30.46
N VAL D 17 1.78 -0.31 -31.80
CA VAL D 17 0.81 0.32 -32.68
C VAL D 17 0.56 -0.66 -33.83
N VAL D 18 -0.72 -0.88 -34.13
CA VAL D 18 -1.14 -1.76 -35.21
C VAL D 18 -2.26 -1.10 -36.01
N ILE D 19 -2.33 -1.45 -37.29
CA ILE D 19 -3.46 -1.07 -38.13
C ILE D 19 -4.09 -2.35 -38.62
N THR D 20 -5.42 -2.42 -38.50
CA THR D 20 -6.18 -3.56 -39.01
C THR D 20 -7.11 -3.06 -40.12
N ASP D 21 -7.32 -3.94 -41.11
CA ASP D 21 -8.20 -3.66 -42.23
C ASP D 21 -9.62 -4.13 -41.90
N ALA D 22 -10.53 -3.18 -41.76
CA ALA D 22 -11.89 -3.42 -41.30
C ALA D 22 -12.77 -4.02 -42.41
N GLN D 23 -12.26 -4.00 -43.65
CA GLN D 23 -12.99 -4.52 -44.79
C GLN D 23 -12.63 -5.99 -45.02
N LEU D 24 -11.35 -6.34 -44.83
CA LEU D 24 -10.87 -7.69 -45.08
C LEU D 24 -11.42 -8.67 -44.03
N PRO D 25 -11.57 -9.96 -44.39
CA PRO D 25 -12.12 -10.95 -43.46
C PRO D 25 -11.24 -11.15 -42.23
N ASP D 26 -11.86 -10.96 -41.05
CA ASP D 26 -11.27 -11.29 -39.76
C ASP D 26 -10.29 -10.18 -39.36
N TYR D 27 -10.56 -8.95 -39.81
CA TYR D 27 -9.83 -7.75 -39.42
C TYR D 27 -8.34 -8.01 -39.29
N PRO D 28 -7.62 -8.41 -40.35
CA PRO D 28 -6.20 -8.74 -40.25
C PRO D 28 -5.33 -7.52 -39.96
N ILE D 29 -4.20 -7.77 -39.31
CA ILE D 29 -3.23 -6.73 -39.05
C ILE D 29 -2.48 -6.44 -40.34
N VAL D 30 -2.57 -5.18 -40.80
CA VAL D 30 -1.91 -4.77 -42.03
C VAL D 30 -0.59 -4.07 -41.69
N TYR D 31 -0.43 -3.64 -40.44
CA TYR D 31 0.76 -2.91 -40.02
C TYR D 31 1.00 -3.07 -38.52
N CYS D 32 2.28 -3.23 -38.14
CA CYS D 32 2.71 -3.23 -36.76
C CYS D 32 4.06 -2.55 -36.62
N ASN D 33 4.21 -1.68 -35.62
CA ASN D 33 5.47 -1.00 -35.37
C ASN D 33 6.44 -1.95 -34.66
N PRO D 34 7.75 -1.59 -34.63
CA PRO D 34 8.74 -2.36 -33.86
C PRO D 34 8.40 -2.53 -32.38
N GLY D 35 7.76 -1.52 -31.79
CA GLY D 35 7.27 -1.61 -30.42
C GLY D 35 6.36 -2.82 -30.22
N PHE D 36 5.46 -3.07 -31.18
CA PHE D 36 4.53 -4.19 -31.08
C PHE D 36 5.30 -5.51 -31.11
N VAL D 37 6.40 -5.53 -31.84
CA VAL D 37 7.26 -6.72 -31.97
C VAL D 37 7.95 -6.97 -30.62
N GLN D 38 8.36 -5.89 -29.97
CA GLN D 38 9.12 -5.98 -28.73
C GLN D 38 8.17 -6.33 -27.58
N LEU D 39 6.97 -5.75 -27.62
CA LEU D 39 5.95 -5.93 -26.59
C LEU D 39 5.42 -7.36 -26.57
N THR D 40 5.17 -7.94 -27.75
CA THR D 40 4.51 -9.23 -27.86
C THR D 40 5.53 -10.34 -28.07
N GLY D 41 6.72 -9.97 -28.57
CA GLY D 41 7.78 -10.92 -28.83
C GLY D 41 7.58 -11.70 -30.14
N TYR D 42 6.70 -11.20 -31.02
CA TYR D 42 6.38 -11.82 -32.29
C TYR D 42 7.00 -10.98 -33.41
N PRO D 43 7.88 -11.56 -34.26
CA PRO D 43 8.37 -10.86 -35.45
C PRO D 43 7.24 -10.51 -36.41
N SER D 44 7.35 -9.37 -37.10
CA SER D 44 6.22 -8.79 -37.81
C SER D 44 5.67 -9.76 -38.87
N GLU D 45 6.46 -10.75 -39.28
CA GLU D 45 6.00 -11.73 -40.27
C GLU D 45 4.99 -12.69 -39.63
N GLU D 46 5.02 -12.82 -38.30
CA GLU D 46 4.08 -13.68 -37.59
C GLU D 46 2.91 -12.85 -37.07
N VAL D 47 2.86 -11.57 -37.47
CA VAL D 47 1.82 -10.66 -37.03
C VAL D 47 0.93 -10.36 -38.23
N LEU D 48 1.53 -9.79 -39.28
CA LEU D 48 0.78 -9.22 -40.40
C LEU D 48 -0.14 -10.29 -41.01
N GLY D 49 -1.41 -9.92 -41.23
CA GLY D 49 -2.39 -10.82 -41.81
C GLY D 49 -3.13 -11.70 -40.79
N ARG D 50 -2.84 -11.51 -39.49
CA ARG D 50 -3.52 -12.25 -38.44
C ARG D 50 -4.46 -11.31 -37.67
N ASN D 51 -5.46 -11.89 -37.02
CA ASN D 51 -6.29 -11.17 -36.08
C ASN D 51 -5.49 -11.09 -34.77
N CYS D 52 -5.67 -10.00 -34.03
CA CYS D 52 -4.90 -9.71 -32.82
CA CYS D 52 -4.85 -9.74 -32.85
C CYS D 52 -5.22 -10.67 -31.69
N ARG D 53 -6.24 -11.52 -31.89
CA ARG D 53 -6.72 -12.40 -30.84
C ARG D 53 -5.64 -13.39 -30.42
N PHE D 54 -4.63 -13.58 -31.28
CA PHE D 54 -3.57 -14.56 -31.03
C PHE D 54 -2.81 -14.20 -29.74
N LEU D 55 -2.97 -12.97 -29.23
CA LEU D 55 -2.34 -12.55 -27.99
C LEU D 55 -3.11 -13.05 -26.77
N GLN D 56 -4.37 -13.44 -26.98
CA GLN D 56 -5.25 -13.87 -25.90
C GLN D 56 -4.89 -15.30 -25.47
N GLY D 57 -5.36 -15.67 -24.27
CA GLY D 57 -5.03 -16.96 -23.71
C GLY D 57 -5.92 -17.32 -22.53
N PRO D 58 -5.61 -18.42 -21.82
CA PRO D 58 -6.51 -19.02 -20.83
C PRO D 58 -7.11 -18.08 -19.80
N ALA D 59 -6.36 -17.05 -19.37
CA ALA D 59 -6.78 -16.19 -18.28
C ALA D 59 -7.41 -14.89 -18.81
N THR D 60 -7.51 -14.76 -20.13
CA THR D 60 -8.09 -13.57 -20.75
C THR D 60 -9.59 -13.51 -20.40
N ASN D 61 -10.05 -12.32 -19.95
CA ASN D 61 -11.43 -12.17 -19.52
C ASN D 61 -12.36 -12.17 -20.72
N PRO D 62 -13.35 -13.09 -20.81
CA PRO D 62 -14.25 -13.14 -21.96
C PRO D 62 -15.17 -11.91 -22.10
N GLU D 63 -15.53 -11.28 -20.98
CA GLU D 63 -16.41 -10.12 -20.98
C GLU D 63 -15.72 -8.95 -21.67
N THR D 64 -14.41 -8.83 -21.43
CA THR D 64 -13.64 -7.75 -22.02
C THR D 64 -13.56 -7.97 -23.52
N VAL D 65 -13.27 -9.21 -23.91
CA VAL D 65 -13.14 -9.57 -25.30
C VAL D 65 -14.45 -9.27 -26.04
N ALA D 66 -15.58 -9.67 -25.43
CA ALA D 66 -16.90 -9.48 -26.02
C ALA D 66 -17.22 -7.99 -26.15
N ARG D 67 -16.87 -7.21 -25.12
CA ARG D 67 -17.12 -5.77 -25.12
C ARG D 67 -16.33 -5.12 -26.26
N LEU D 68 -15.12 -5.62 -26.49
CA LEU D 68 -14.25 -5.14 -27.55
C LEU D 68 -14.82 -5.54 -28.89
N ARG D 69 -15.31 -6.79 -29.00
CA ARG D 69 -15.84 -7.29 -30.25
C ARG D 69 -17.02 -6.43 -30.70
N ARG D 70 -17.87 -6.05 -29.74
CA ARG D 70 -19.03 -5.23 -30.03
C ARG D 70 -18.58 -3.92 -30.68
N ALA D 71 -17.69 -3.19 -30.00
CA ALA D 71 -17.26 -1.87 -30.44
C ALA D 71 -16.68 -1.96 -31.85
N ILE D 72 -15.96 -3.04 -32.14
CA ILE D 72 -15.35 -3.23 -33.45
C ILE D 72 -16.41 -3.38 -34.54
N HIS D 73 -17.46 -4.14 -34.25
CA HIS D 73 -18.54 -4.37 -35.20
C HIS D 73 -19.43 -3.14 -35.33
N GLU D 74 -19.51 -2.33 -34.26
CA GLU D 74 -20.26 -1.09 -34.28
C GLU D 74 -19.42 0.08 -34.81
N GLY D 75 -18.18 -0.22 -35.23
CA GLY D 75 -17.26 0.79 -35.73
C GLY D 75 -17.09 1.96 -34.75
N ARG D 76 -16.95 1.63 -33.46
CA ARG D 76 -16.77 2.62 -32.41
C ARG D 76 -15.37 2.50 -31.79
N PRO D 77 -14.89 3.56 -31.10
CA PRO D 77 -13.67 3.47 -30.32
C PRO D 77 -13.89 2.65 -29.06
N ALA D 78 -12.79 2.16 -28.49
CA ALA D 78 -12.84 1.39 -27.28
C ALA D 78 -11.50 1.50 -26.57
N HIS D 79 -11.57 1.34 -25.24
CA HIS D 79 -10.40 1.39 -24.38
C HIS D 79 -10.61 0.33 -23.31
N VAL D 80 -9.76 -0.71 -23.31
CA VAL D 80 -9.89 -1.79 -22.36
C VAL D 80 -8.52 -2.08 -21.75
N LEU D 81 -8.56 -2.82 -20.64
CA LEU D 81 -7.38 -3.44 -20.05
C LEU D 81 -7.58 -4.94 -20.17
N LEU D 82 -6.59 -5.65 -20.73
CA LEU D 82 -6.81 -7.02 -21.16
C LEU D 82 -5.53 -7.80 -20.87
N LEU D 83 -5.66 -9.06 -20.44
CA LEU D 83 -4.51 -9.91 -20.25
C LEU D 83 -4.12 -10.59 -21.57
N ASN D 84 -2.89 -10.33 -22.02
CA ASN D 84 -2.34 -10.89 -23.24
C ASN D 84 -1.15 -11.77 -22.87
N TYR D 85 -0.65 -12.51 -23.88
CA TYR D 85 0.49 -13.40 -23.73
C TYR D 85 1.51 -13.10 -24.84
N ARG D 86 2.78 -13.00 -24.45
CA ARG D 86 3.87 -12.86 -25.40
CA ARG D 86 3.88 -12.87 -25.39
C ARG D 86 4.04 -14.19 -26.13
N LYS D 87 4.94 -14.21 -27.12
CA LYS D 87 5.20 -15.43 -27.88
C LYS D 87 5.78 -16.51 -26.99
N ASP D 88 6.52 -16.11 -25.94
CA ASP D 88 7.17 -17.06 -25.04
C ASP D 88 6.16 -17.67 -24.07
N GLY D 89 4.93 -17.16 -24.03
CA GLY D 89 3.91 -17.66 -23.13
C GLY D 89 3.84 -16.86 -21.83
N GLN D 90 4.64 -15.79 -21.72
CA GLN D 90 4.63 -14.87 -20.60
C GLN D 90 3.44 -13.94 -20.72
N PRO D 91 2.53 -13.91 -19.70
CA PRO D 91 1.40 -12.97 -19.73
C PRO D 91 1.82 -11.53 -19.44
N PHE D 92 0.99 -10.58 -19.87
CA PHE D 92 1.17 -9.17 -19.57
C PHE D 92 -0.19 -8.47 -19.67
N TRP D 93 -0.32 -7.36 -18.93
CA TRP D 93 -1.54 -6.55 -18.96
C TRP D 93 -1.40 -5.51 -20.06
N ASN D 94 -2.32 -5.62 -21.02
CA ASN D 94 -2.37 -4.78 -22.21
C ASN D 94 -3.43 -3.72 -21.98
N ASP D 95 -2.99 -2.48 -21.80
CA ASP D 95 -3.85 -1.32 -21.97
C ASP D 95 -4.03 -1.12 -23.48
N LEU D 96 -5.25 -1.38 -23.96
CA LEU D 96 -5.55 -1.41 -25.38
C LEU D 96 -6.55 -0.30 -25.69
N ARG D 97 -6.14 0.61 -26.59
CA ARG D 97 -6.93 1.75 -27.01
C ARG D 97 -7.07 1.66 -28.53
N ILE D 98 -8.30 1.47 -29.00
CA ILE D 98 -8.57 1.29 -30.42
CA ILE D 98 -8.57 1.29 -30.42
C ILE D 98 -9.48 2.41 -30.90
N ALA D 99 -9.26 2.84 -32.16
CA ALA D 99 -10.09 3.87 -32.76
C ALA D 99 -10.41 3.52 -34.21
N PRO D 100 -11.63 3.85 -34.68
CA PRO D 100 -12.03 3.57 -36.04
C PRO D 100 -11.52 4.59 -37.06
N VAL D 101 -11.10 4.11 -38.23
CA VAL D 101 -10.63 4.97 -39.32
C VAL D 101 -11.62 4.95 -40.49
N ARG D 102 -12.28 6.08 -40.72
CA ARG D 102 -13.26 6.20 -41.80
C ARG D 102 -12.68 6.98 -42.98
N ASP D 103 -13.21 6.73 -44.19
CA ASP D 103 -12.81 7.47 -45.38
C ASP D 103 -13.69 8.71 -45.50
N VAL D 104 -13.50 9.48 -46.59
CA VAL D 104 -14.22 10.72 -46.81
C VAL D 104 -15.71 10.44 -46.96
N GLU D 105 -16.06 9.24 -47.46
CA GLU D 105 -17.44 8.81 -47.60
C GLU D 105 -18.07 8.51 -46.23
N GLY D 106 -17.24 8.38 -45.18
CA GLY D 106 -17.70 7.98 -43.85
C GLY D 106 -17.68 6.46 -43.67
N ARG D 107 -17.07 5.74 -44.63
CA ARG D 107 -16.97 4.29 -44.59
C ARG D 107 -15.77 3.86 -43.75
N LEU D 108 -16.02 2.89 -42.85
CA LEU D 108 -15.01 2.31 -42.00
C LEU D 108 -14.02 1.48 -42.83
N THR D 109 -12.73 1.82 -42.75
CA THR D 109 -11.70 1.18 -43.57
C THR D 109 -10.67 0.45 -42.69
N HIS D 110 -10.39 0.99 -41.50
CA HIS D 110 -9.33 0.45 -40.68
C HIS D 110 -9.68 0.63 -39.21
N PHE D 111 -8.90 -0.04 -38.35
CA PHE D 111 -8.83 0.33 -36.95
C PHE D 111 -7.36 0.61 -36.60
N VAL D 112 -7.14 1.60 -35.74
CA VAL D 112 -5.82 1.81 -35.15
C VAL D 112 -5.82 1.28 -33.73
N GLY D 113 -4.85 0.41 -33.41
CA GLY D 113 -4.68 -0.16 -32.08
C GLY D 113 -3.40 0.34 -31.40
N ILE D 114 -3.54 0.77 -30.14
CA ILE D 114 -2.42 1.19 -29.30
C ILE D 114 -2.37 0.29 -28.07
N GLN D 115 -1.31 -0.53 -28.01
CA GLN D 115 -1.09 -1.46 -26.92
C GLN D 115 0.02 -0.92 -26.02
N SER D 116 -0.25 -0.87 -24.70
CA SER D 116 0.76 -0.50 -23.71
C SER D 116 0.80 -1.55 -22.60
N ASP D 117 2.02 -1.99 -22.25
CA ASP D 117 2.24 -2.90 -21.14
C ASP D 117 2.15 -2.10 -19.84
N VAL D 118 1.10 -2.41 -19.05
CA VAL D 118 0.85 -1.75 -17.79
C VAL D 118 0.89 -2.78 -16.66
N SER D 119 1.60 -3.89 -16.90
CA SER D 119 1.71 -4.95 -15.92
C SER D 119 2.20 -4.42 -14.56
N ALA D 120 3.22 -3.55 -14.56
CA ALA D 120 3.82 -3.08 -13.33
C ALA D 120 2.81 -2.29 -12.52
N LYS D 121 2.10 -1.39 -13.20
CA LYS D 121 1.03 -0.60 -12.61
C LYS D 121 -0.03 -1.51 -11.97
N VAL D 122 -0.41 -2.57 -12.69
CA VAL D 122 -1.44 -3.46 -12.22
C VAL D 122 -0.90 -4.21 -11.01
N GLU D 123 0.31 -4.78 -11.14
CA GLU D 123 0.88 -5.60 -10.09
C GLU D 123 1.03 -4.76 -8.83
N GLY D 124 1.25 -3.45 -9.01
CA GLY D 124 1.30 -2.52 -7.90
C GLY D 124 -0.04 -2.46 -7.16
N VAL D 125 -1.12 -2.39 -7.94
CA VAL D 125 -2.45 -2.28 -7.38
C VAL D 125 -2.78 -3.57 -6.61
N ARG D 126 -2.30 -4.70 -7.12
CA ARG D 126 -2.66 -5.98 -6.56
C ARG D 126 -1.99 -6.13 -5.20
N LEU D 127 -0.72 -5.74 -5.10
CA LEU D 127 0.02 -5.79 -3.86
C LEU D 127 -0.62 -4.89 -2.80
N LEU D 128 -1.04 -3.68 -3.18
CA LEU D 128 -1.71 -2.77 -2.26
C LEU D 128 -3.02 -3.38 -1.76
N GLU D 129 -3.84 -3.90 -2.68
CA GLU D 129 -5.11 -4.52 -2.30
C GLU D 129 -4.89 -5.64 -1.29
N GLN D 130 -3.82 -6.41 -1.51
CA GLN D 130 -3.48 -7.53 -0.66
C GLN D 130 -3.01 -7.04 0.71
N ALA D 131 -2.22 -5.96 0.70
CA ALA D 131 -1.73 -5.34 1.93
C ALA D 131 -2.89 -4.76 2.73
N LEU D 132 -3.89 -4.24 2.03
CA LEU D 132 -5.07 -3.64 2.66
C LEU D 132 -5.93 -4.70 3.33
N GLU D 133 -6.02 -5.90 2.74
CA GLU D 133 -6.75 -7.00 3.37
C GLU D 133 -6.09 -7.27 4.73
N GLU D 134 -4.76 -7.24 4.70
CA GLU D 134 -3.97 -7.58 5.87
C GLU D 134 -4.21 -6.54 6.96
N TRP D 135 -4.07 -5.26 6.62
CA TRP D 135 -4.17 -4.20 7.60
C TRP D 135 -5.61 -4.04 8.09
N ARG D 136 -6.60 -4.48 7.29
CA ARG D 136 -7.98 -4.42 7.73
C ARG D 136 -8.25 -5.43 8.84
N SER D 137 -7.61 -6.61 8.75
CA SER D 137 -7.72 -7.64 9.77
CA SER D 137 -7.76 -7.63 9.77
C SER D 137 -7.42 -7.04 11.14
N THR D 138 -6.37 -6.20 11.19
CA THR D 138 -5.86 -5.62 12.43
C THR D 138 -6.93 -4.76 13.11
N VAL D 139 -7.85 -4.21 12.30
CA VAL D 139 -8.91 -3.31 12.78
C VAL D 139 -10.26 -3.77 12.21
#